data_6K8M
#
_entry.id   6K8M
#
_cell.length_a   67.842
_cell.length_b   67.842
_cell.length_c   102.377
_cell.angle_alpha   90.000
_cell.angle_beta   90.000
_cell.angle_gamma   90.000
#
_symmetry.space_group_name_H-M   'P 43 21 2'
#
loop_
_entity.id
_entity.type
_entity.pdbx_description
1 polymer 'Proteinase K'
2 non-polymer THIOUREA
3 non-polymer 'SULFATE ION'
4 non-polymer 'CHLORIDE ION'
5 water water
#
_entity_poly.entity_id   1
_entity_poly.type   'polypeptide(L)'
_entity_poly.pdbx_seq_one_letter_code
;AAQTNAPWGLARISSTSPGTSTYYYDESAGQGSCVYVIDTGIEASHPEFEGRAQMVKTYYYSSRDGNGHGTHCAGTVGSR
TYGVVKKTQLFGVKVLDDNGSGQYSTIIAGMDFVASDKNNRNCPKGVVASLSLGGGYSSSVNSAAARLQSSGVMVAVAAG
NNNADARNYSPASEPSVCTVGASDRYDRRSSFSNYGSVLDIFGPGTSILSTWIGGSTRSISGTSMATPHVAGLAAYLMTL
GKTTAASACRYIADTANKGDLSNIPFGTVNLLAYNNYQA
;
_entity_poly.pdbx_strand_id   E
#
loop_
_chem_comp.id
_chem_comp.type
_chem_comp.name
_chem_comp.formula
CL non-polymer 'CHLORIDE ION' 'Cl -1'
SO4 non-polymer 'SULFATE ION' 'O4 S -2'
TOU non-polymer THIOUREA 'C H4 N2 S'
#
# COMPACT_ATOMS: atom_id res chain seq x y z
N ALA A 1 -19.62 9.26 0.03
CA ALA A 1 -19.55 9.02 -1.45
C ALA A 1 -19.68 7.54 -1.72
N ALA A 2 -20.26 7.17 -2.83
CA ALA A 2 -20.45 5.78 -3.23
C ALA A 2 -19.88 5.60 -4.64
N GLN A 3 -19.02 4.63 -4.85
CA GLN A 3 -18.55 4.21 -6.19
C GLN A 3 -19.20 2.88 -6.51
N THR A 4 -20.12 2.86 -7.45
CA THR A 4 -20.75 1.59 -7.85
C THR A 4 -19.80 0.77 -8.74
N ASN A 5 -20.02 -0.53 -8.72
CA ASN A 5 -19.28 -1.50 -9.58
C ASN A 5 -17.80 -1.25 -9.34
N ALA A 6 -17.42 -1.17 -8.08
CA ALA A 6 -16.03 -0.99 -7.65
C ALA A 6 -15.28 -2.31 -7.67
N PRO A 7 -13.94 -2.28 -7.80
CA PRO A 7 -13.17 -3.49 -7.59
C PRO A 7 -13.51 -4.07 -6.21
N TRP A 8 -13.49 -5.39 -6.11
CA TRP A 8 -13.96 -6.04 -4.85
C TRP A 8 -13.17 -5.55 -3.64
N GLY A 9 -11.87 -5.28 -3.79
CA GLY A 9 -11.04 -4.87 -2.63
C GLY A 9 -11.44 -3.51 -2.11
N LEU A 10 -11.79 -2.55 -2.96
CA LEU A 10 -12.30 -1.27 -2.47
C LEU A 10 -13.63 -1.50 -1.74
N ALA A 11 -14.56 -2.26 -2.31
CA ALA A 11 -15.83 -2.51 -1.59
C ALA A 11 -15.51 -3.19 -0.27
N ARG A 12 -14.52 -4.07 -0.24
CA ARG A 12 -14.27 -4.85 1.00
C ARG A 12 -13.78 -3.90 2.10
N ILE A 13 -12.91 -2.94 1.76
CA ILE A 13 -12.32 -1.98 2.75
C ILE A 13 -13.39 -1.12 3.40
N SER A 14 -14.56 -0.95 2.75
CA SER A 14 -15.61 -0.10 3.37
C SER A 14 -16.80 -0.95 3.81
N SER A 15 -16.60 -2.25 4.00
CA SER A 15 -17.71 -3.16 4.34
C SER A 15 -17.43 -3.98 5.60
N THR A 16 -18.50 -4.27 6.37
CA THR A 16 -18.44 -5.28 7.46
C THR A 16 -18.65 -6.68 6.91
N SER A 17 -18.91 -6.88 5.61
CA SER A 17 -19.17 -8.20 5.00
C SER A 17 -18.50 -8.32 3.65
N PRO A 18 -18.03 -9.50 3.29
CA PRO A 18 -17.62 -9.75 1.91
C PRO A 18 -18.84 -9.83 0.98
N GLY A 19 -18.57 -9.78 -0.30
CA GLY A 19 -19.59 -10.07 -1.34
C GLY A 19 -20.35 -8.86 -1.84
N THR A 20 -19.86 -7.66 -1.57
CA THR A 20 -20.51 -6.44 -2.10
C THR A 20 -19.55 -5.77 -3.10
N SER A 21 -20.09 -4.81 -3.87
CA SER A 21 -19.36 -4.26 -5.03
C SER A 21 -19.43 -2.74 -5.07
N THR A 22 -19.86 -2.10 -4.01
CA THR A 22 -19.86 -0.61 -3.94
C THR A 22 -18.85 -0.17 -2.89
N TYR A 23 -18.04 0.82 -3.22
CA TYR A 23 -17.04 1.39 -2.29
C TYR A 23 -17.60 2.67 -1.71
N TYR A 24 -17.63 2.77 -0.38
CA TYR A 24 -18.19 3.96 0.32
C TYR A 24 -17.06 4.66 1.08
N TYR A 25 -16.93 5.97 0.93
CA TYR A 25 -15.81 6.71 1.55
C TYR A 25 -16.22 8.18 1.71
N ASP A 26 -15.59 8.85 2.67
CA ASP A 26 -15.74 10.30 2.80
C ASP A 26 -15.17 11.01 1.58
N GLU A 27 -15.88 12.01 1.05
CA GLU A 27 -15.51 12.69 -0.20
C GLU A 27 -14.18 13.44 -0.08
N SER A 28 -13.67 13.67 1.13
CA SER A 28 -12.32 14.28 1.35
C SER A 28 -11.26 13.44 0.60
N ALA A 29 -11.41 12.11 0.59
CA ALA A 29 -10.69 11.20 -0.35
C ALA A 29 -9.16 11.37 -0.30
N GLY A 30 -8.61 11.61 0.87
CA GLY A 30 -7.16 11.78 1.02
C GLY A 30 -6.62 13.08 0.46
N GLN A 31 -7.45 14.06 0.13
CA GLN A 31 -6.92 15.34 -0.38
C GLN A 31 -5.97 15.93 0.66
N GLY A 32 -4.83 16.48 0.22
CA GLY A 32 -3.89 17.13 1.13
C GLY A 32 -2.90 16.16 1.77
N SER A 33 -3.06 14.86 1.48
CA SER A 33 -2.08 13.82 1.88
C SER A 33 -1.19 13.52 0.68
N CYS A 34 -0.11 12.81 0.98
CA CYS A 34 0.87 12.37 -0.04
C CYS A 34 1.17 10.91 0.18
N VAL A 35 1.22 10.15 -0.92
CA VAL A 35 1.71 8.75 -0.83
C VAL A 35 2.85 8.55 -1.83
N TYR A 36 3.97 8.10 -1.29
CA TYR A 36 5.14 7.70 -2.08
C TYR A 36 4.97 6.22 -2.42
N VAL A 37 5.12 5.89 -3.68
CA VAL A 37 5.03 4.49 -4.17
C VAL A 37 6.44 4.13 -4.59
N ILE A 38 7.10 3.33 -3.77
CA ILE A 38 8.56 3.03 -3.94
C ILE A 38 8.61 1.68 -4.65
N ASP A 39 8.91 1.68 -5.94
CA ASP A 39 8.54 0.54 -6.80
C ASP A 39 9.24 0.66 -8.15
N THR A 40 8.61 0.20 -9.23
CA THR A 40 9.17 0.21 -10.61
C THR A 40 8.84 1.54 -11.30
N GLY A 41 8.24 2.48 -10.59
CA GLY A 41 7.79 3.76 -11.18
C GLY A 41 6.29 3.83 -11.30
N ILE A 42 5.80 4.93 -11.86
CA ILE A 42 4.35 5.18 -12.07
C ILE A 42 4.23 5.81 -13.44
N GLU A 43 3.35 5.26 -14.26
CA GLU A 43 2.95 5.93 -15.51
C GLU A 43 2.00 7.09 -15.17
N ALA A 44 2.59 8.24 -14.84
CA ALA A 44 1.86 9.42 -14.34
C ALA A 44 0.88 9.93 -15.39
N SER A 45 1.16 9.73 -16.68
CA SER A 45 0.27 10.14 -17.78
C SER A 45 -1.04 9.34 -17.86
N HIS A 46 -1.17 8.24 -17.13
CA HIS A 46 -2.40 7.44 -17.19
C HIS A 46 -3.57 8.34 -16.79
N PRO A 47 -4.65 8.38 -17.60
CA PRO A 47 -5.82 9.18 -17.28
C PRO A 47 -6.37 8.92 -15.87
N GLU A 48 -6.22 7.69 -15.39
CA GLU A 48 -6.71 7.35 -14.05
C GLU A 48 -6.04 8.18 -12.95
N PHE A 49 -4.88 8.76 -13.17
CA PHE A 49 -4.21 9.55 -12.09
C PHE A 49 -4.56 11.04 -12.12
N GLU A 50 -5.16 11.51 -13.21
CA GLU A 50 -5.80 12.85 -13.25
C GLU A 50 -4.78 13.96 -12.97
N GLY A 51 -3.49 13.72 -13.24
CA GLY A 51 -2.47 14.74 -12.99
C GLY A 51 -1.96 14.75 -11.55
N ARG A 52 -2.49 13.86 -10.71
CA ARG A 52 -2.11 13.81 -9.26
C ARG A 52 -0.88 12.95 -9.04
N ALA A 53 -0.36 12.27 -10.05
CA ALA A 53 0.85 11.43 -9.92
C ALA A 53 2.04 12.12 -10.58
N GLN A 54 3.20 11.95 -9.99
CA GLN A 54 4.44 12.40 -10.64
C GLN A 54 5.59 11.53 -10.18
N MET A 55 6.56 11.36 -11.07
CA MET A 55 7.82 10.71 -10.66
C MET A 55 8.74 11.77 -10.00
N VAL A 56 9.32 11.46 -8.85
CA VAL A 56 10.24 12.39 -8.16
C VAL A 56 11.67 11.84 -8.11
N LYS A 57 11.89 10.54 -8.34
CA LYS A 57 13.26 9.97 -8.20
C LYS A 57 13.33 8.68 -9.01
N THR A 58 14.44 8.47 -9.71
CA THR A 58 14.78 7.15 -10.26
C THR A 58 16.25 6.91 -10.04
N TYR A 59 16.62 5.65 -9.96
CA TYR A 59 18.02 5.21 -9.85
C TYR A 59 18.49 4.57 -11.15
N TYR A 60 17.66 4.63 -12.19
CA TYR A 60 17.89 3.97 -13.49
C TYR A 60 17.83 4.98 -14.62
N TYR A 61 18.00 4.47 -15.87
CA TYR A 61 18.12 5.36 -17.04
C TYR A 61 16.82 6.13 -17.31
N SER A 62 15.70 5.68 -16.80
CA SER A 62 14.41 6.36 -17.01
C SER A 62 13.67 6.36 -15.67
N SER A 63 12.76 7.31 -15.53
CA SER A 63 11.78 7.32 -14.41
C SER A 63 10.52 6.58 -14.85
N ARG A 64 10.41 6.18 -16.11
CA ARG A 64 9.16 5.54 -16.55
C ARG A 64 9.07 4.12 -15.98
N ASP A 65 7.84 3.70 -15.75
CA ASP A 65 7.50 2.31 -15.37
C ASP A 65 7.47 1.43 -16.62
N GLY A 66 8.58 0.73 -16.88
CA GLY A 66 8.59 -0.22 -17.99
C GLY A 66 8.09 -1.60 -17.62
N ASN A 67 7.57 -1.78 -16.40
CA ASN A 67 7.13 -3.07 -15.90
C ASN A 67 5.60 -3.12 -15.81
N GLY A 68 5.02 -2.19 -15.04
CA GLY A 68 3.59 -2.17 -14.75
C GLY A 68 3.34 -2.28 -13.25
N HIS A 69 4.18 -3.00 -12.51
CA HIS A 69 3.90 -3.29 -11.07
C HIS A 69 3.65 -1.99 -10.30
N GLY A 70 4.54 -1.03 -10.42
CA GLY A 70 4.46 0.24 -9.65
C GLY A 70 3.21 1.03 -10.04
N THR A 71 2.85 0.96 -11.31
CA THR A 71 1.65 1.65 -11.83
C THR A 71 0.44 0.99 -11.18
N HIS A 72 0.43 -0.33 -11.15
CA HIS A 72 -0.70 -1.06 -10.53
C HIS A 72 -0.84 -0.66 -9.06
N CYS A 73 0.25 -0.70 -8.29
CA CYS A 73 0.23 -0.39 -6.85
C CYS A 73 -0.24 1.06 -6.71
N ALA A 74 0.31 2.00 -7.49
CA ALA A 74 -0.09 3.42 -7.37
C ALA A 74 -1.58 3.55 -7.66
N GLY A 75 -2.10 2.78 -8.60
CA GLY A 75 -3.54 2.84 -8.94
C GLY A 75 -4.39 2.42 -7.75
N THR A 76 -3.96 1.40 -7.00
CA THR A 76 -4.72 0.95 -5.81
C THR A 76 -4.66 2.01 -4.73
N VAL A 77 -3.53 2.71 -4.59
CA VAL A 77 -3.47 3.83 -3.61
C VAL A 77 -4.48 4.92 -3.98
N GLY A 78 -4.42 5.41 -5.22
CA GLY A 78 -4.97 6.73 -5.51
C GLY A 78 -5.54 6.97 -6.90
N SER A 79 -5.70 5.99 -7.77
CA SER A 79 -6.42 6.24 -9.05
C SER A 79 -7.89 6.54 -8.80
N ARG A 80 -8.49 7.25 -9.77
CA ARG A 80 -9.91 7.66 -9.68
C ARG A 80 -10.84 6.46 -9.58
N THR A 81 -10.62 5.39 -10.35
CA THR A 81 -11.49 4.20 -10.36
C THR A 81 -10.97 3.14 -9.39
N TYR A 82 -9.68 2.90 -9.39
CA TYR A 82 -9.12 1.70 -8.72
C TYR A 82 -8.56 2.03 -7.34
N GLY A 83 -8.59 3.30 -6.91
CA GLY A 83 -7.85 3.71 -5.70
C GLY A 83 -8.72 3.86 -4.49
N VAL A 84 -8.05 3.72 -3.36
CA VAL A 84 -8.65 3.92 -2.02
C VAL A 84 -8.77 5.43 -1.74
N VAL A 85 -7.73 6.20 -1.98
CA VAL A 85 -7.63 7.63 -1.61
C VAL A 85 -7.62 8.41 -2.93
N LYS A 86 -8.78 8.73 -3.45
CA LYS A 86 -8.91 9.14 -4.86
C LYS A 86 -8.48 10.59 -5.10
N LYS A 87 -8.13 11.35 -4.06
CA LYS A 87 -7.63 12.72 -4.20
C LYS A 87 -6.25 12.89 -3.57
N THR A 88 -5.55 11.83 -3.22
CA THR A 88 -4.17 11.96 -2.70
C THR A 88 -3.22 12.38 -3.83
N GLN A 89 -2.06 12.92 -3.41
CA GLN A 89 -0.91 13.15 -4.32
C GLN A 89 0.00 11.93 -4.27
N LEU A 90 0.36 11.42 -5.45
CA LEU A 90 1.18 10.21 -5.62
C LEU A 90 2.55 10.64 -6.12
N PHE A 91 3.56 10.15 -5.43
CA PHE A 91 4.96 10.42 -5.81
C PHE A 91 5.66 9.10 -6.06
N GLY A 92 6.22 8.96 -7.24
CA GLY A 92 6.87 7.71 -7.64
C GLY A 92 8.35 7.77 -7.39
N VAL A 93 8.89 6.72 -6.78
CA VAL A 93 10.33 6.55 -6.49
C VAL A 93 10.78 5.23 -7.09
N LYS A 94 11.52 5.28 -8.19
CA LYS A 94 11.83 4.04 -8.95
C LYS A 94 13.12 3.42 -8.38
N VAL A 95 12.94 2.49 -7.44
CA VAL A 95 14.05 1.69 -6.87
C VAL A 95 14.16 0.35 -7.57
N LEU A 96 13.14 -0.06 -8.32
CA LEU A 96 13.12 -1.37 -8.99
C LEU A 96 13.27 -1.13 -10.48
N ASP A 97 14.08 -1.97 -11.12
CA ASP A 97 14.24 -1.92 -12.59
C ASP A 97 12.98 -2.39 -13.32
N ASP A 98 13.01 -2.38 -14.65
CA ASP A 98 11.81 -2.76 -15.43
C ASP A 98 11.54 -4.27 -15.43
N ASN A 99 12.44 -5.07 -14.85
CA ASN A 99 12.22 -6.53 -14.60
C ASN A 99 11.62 -6.71 -13.20
N GLY A 100 11.46 -5.63 -12.45
CA GLY A 100 10.84 -5.65 -11.11
C GLY A 100 11.83 -5.95 -9.99
N SER A 101 13.14 -5.86 -10.26
CA SER A 101 14.22 -6.22 -9.30
C SER A 101 14.95 -4.98 -8.86
N GLY A 102 15.52 -4.99 -7.68
CA GLY A 102 16.41 -3.89 -7.26
C GLY A 102 17.38 -4.33 -6.20
N GLN A 103 18.56 -3.72 -6.17
CA GLN A 103 19.57 -4.01 -5.13
C GLN A 103 19.07 -3.41 -3.80
N TYR A 104 19.33 -4.08 -2.70
CA TYR A 104 18.96 -3.58 -1.37
C TYR A 104 19.55 -2.21 -1.16
N SER A 105 20.76 -1.94 -1.60
CA SER A 105 21.40 -0.62 -1.38
C SER A 105 20.56 0.47 -2.05
N THR A 106 19.98 0.18 -3.20
CA THR A 106 19.14 1.15 -3.94
C THR A 106 17.82 1.36 -3.17
N ILE A 107 17.20 0.26 -2.73
CA ILE A 107 15.93 0.34 -1.96
C ILE A 107 16.17 1.22 -0.71
N ILE A 108 17.29 1.01 -0.01
CA ILE A 108 17.61 1.78 1.22
C ILE A 108 17.71 3.26 0.84
N ALA A 109 18.48 3.57 -0.17
CA ALA A 109 18.64 4.95 -0.67
C ALA A 109 17.27 5.55 -0.98
N GLY A 110 16.38 4.79 -1.61
CA GLY A 110 15.05 5.34 -1.91
C GLY A 110 14.24 5.63 -0.64
N MET A 111 14.37 4.84 0.41
CA MET A 111 13.65 5.09 1.69
C MET A 111 14.22 6.36 2.30
N ASP A 112 15.56 6.49 2.36
CA ASP A 112 16.15 7.70 2.96
C ASP A 112 15.78 8.91 2.09
N PHE A 113 15.70 8.75 0.79
CA PHE A 113 15.24 9.82 -0.12
C PHE A 113 13.85 10.31 0.33
N VAL A 114 12.91 9.39 0.54
CA VAL A 114 11.52 9.82 0.87
C VAL A 114 11.54 10.53 2.22
N ALA A 115 12.31 10.08 3.18
CA ALA A 115 12.33 10.72 4.50
C ALA A 115 12.72 12.18 4.37
N SER A 116 13.65 12.49 3.47
CA SER A 116 14.05 13.90 3.21
C SER A 116 13.10 14.60 2.26
N ASP A 117 12.73 13.93 1.18
CA ASP A 117 11.98 14.58 0.10
C ASP A 117 10.60 15.05 0.56
N LYS A 118 10.01 14.43 1.59
CA LYS A 118 8.68 14.88 2.05
C LYS A 118 8.78 16.37 2.45
N ASN A 119 9.98 16.83 2.86
CA ASN A 119 10.19 18.24 3.29
C ASN A 119 10.20 19.18 2.08
N ASN A 120 10.15 18.65 0.87
CA ASN A 120 10.08 19.40 -0.39
C ASN A 120 8.67 19.39 -0.96
N ARG A 121 7.74 18.75 -0.26
CA ARG A 121 6.39 18.51 -0.78
C ARG A 121 5.34 19.12 0.14
N ASN A 122 4.17 19.45 -0.42
CA ASN A 122 3.05 19.94 0.38
C ASN A 122 2.09 18.82 0.70
N CYS A 123 2.12 18.40 1.97
CA CYS A 123 1.35 17.24 2.45
C CYS A 123 0.80 17.62 3.80
N PRO A 124 -0.05 18.67 3.89
CA PRO A 124 -0.49 19.13 5.20
C PRO A 124 -1.22 18.07 6.03
N LYS A 125 -1.82 17.06 5.38
CA LYS A 125 -2.57 16.01 6.09
C LYS A 125 -1.69 14.81 6.42
N GLY A 126 -0.49 14.75 5.88
CA GLY A 126 0.46 13.72 6.25
C GLY A 126 0.95 12.93 5.06
N VAL A 127 1.93 12.09 5.39
CA VAL A 127 2.76 11.38 4.37
C VAL A 127 2.74 9.88 4.65
N VAL A 128 2.60 9.13 3.56
CA VAL A 128 2.59 7.65 3.55
C VAL A 128 3.64 7.18 2.57
N ALA A 129 4.25 6.03 2.84
CA ALA A 129 5.09 5.35 1.85
C ALA A 129 4.57 3.92 1.70
N SER A 130 4.40 3.51 0.45
CA SER A 130 3.94 2.14 0.11
C SER A 130 5.09 1.35 -0.53
N LEU A 131 5.50 0.23 0.11
CA LEU A 131 6.67 -0.59 -0.32
C LEU A 131 6.18 -2.00 -0.63
N SER A 132 5.75 -2.21 -1.85
CA SER A 132 5.34 -3.54 -2.37
C SER A 132 6.60 -4.20 -2.89
N LEU A 133 7.52 -4.51 -2.00
CA LEU A 133 8.80 -5.09 -2.39
C LEU A 133 9.41 -5.75 -1.15
N GLY A 134 10.45 -6.52 -1.42
CA GLY A 134 11.20 -7.10 -0.31
C GLY A 134 12.07 -8.25 -0.76
N GLY A 135 12.83 -8.77 0.18
CA GLY A 135 13.66 -9.95 -0.05
C GLY A 135 14.00 -10.57 1.28
N GLY A 136 15.10 -11.30 1.29
CA GLY A 136 15.50 -11.99 2.51
C GLY A 136 15.83 -11.02 3.64
N TYR A 137 15.89 -11.53 4.85
CA TYR A 137 16.13 -10.71 6.06
C TYR A 137 17.41 -9.88 5.86
N SER A 138 17.32 -8.59 6.14
CA SER A 138 18.44 -7.62 6.15
C SER A 138 18.21 -6.62 7.27
N SER A 139 19.10 -6.57 8.26
CA SER A 139 18.95 -5.58 9.35
C SER A 139 19.04 -4.16 8.75
N SER A 140 19.86 -3.98 7.72
CA SER A 140 20.05 -2.64 7.08
C SER A 140 18.77 -2.19 6.38
N VAL A 141 18.10 -3.11 5.70
CA VAL A 141 16.82 -2.76 5.02
C VAL A 141 15.77 -2.48 6.10
N ASN A 142 15.69 -3.29 7.15
CA ASN A 142 14.70 -3.03 8.25
C ASN A 142 15.00 -1.66 8.86
N SER A 143 16.28 -1.36 9.11
CA SER A 143 16.66 -0.08 9.74
C SER A 143 16.19 1.09 8.85
N ALA A 144 16.35 0.96 7.55
CA ALA A 144 15.94 2.05 6.63
C ALA A 144 14.44 2.27 6.79
N ALA A 145 13.68 1.20 6.80
CA ALA A 145 12.21 1.31 6.93
C ALA A 145 11.87 1.94 8.29
N ALA A 146 12.58 1.57 9.35
CA ALA A 146 12.36 2.13 10.67
C ALA A 146 12.69 3.62 10.64
N ARG A 147 13.79 4.03 10.01
CA ARG A 147 14.10 5.50 9.91
C ARG A 147 12.96 6.25 9.22
N LEU A 148 12.50 5.71 8.11
CA LEU A 148 11.47 6.40 7.32
C LEU A 148 10.25 6.59 8.20
N GLN A 149 9.84 5.55 8.90
CA GLN A 149 8.68 5.61 9.82
C GLN A 149 8.97 6.67 10.90
N SER A 150 10.12 6.58 11.55
CA SER A 150 10.52 7.54 12.61
C SER A 150 10.45 8.98 12.12
N SER A 151 10.78 9.23 10.85
CA SER A 151 10.85 10.58 10.26
C SER A 151 9.45 11.18 10.11
N GLY A 152 8.38 10.42 10.35
CA GLY A 152 6.99 10.92 10.28
C GLY A 152 6.28 10.48 9.02
N VAL A 153 6.64 9.33 8.48
CA VAL A 153 5.95 8.73 7.31
C VAL A 153 5.29 7.45 7.77
N MET A 154 4.03 7.27 7.39
CA MET A 154 3.33 5.99 7.62
C MET A 154 3.87 5.00 6.60
N VAL A 155 4.66 4.02 7.07
CA VAL A 155 5.30 3.06 6.14
C VAL A 155 4.47 1.78 6.14
N ALA A 156 3.96 1.43 4.96
CA ALA A 156 3.27 0.16 4.72
C ALA A 156 4.12 -0.72 3.81
N VAL A 157 4.34 -1.96 4.22
CA VAL A 157 5.22 -2.89 3.47
C VAL A 157 4.54 -4.22 3.28
N ALA A 158 4.83 -4.84 2.15
CA ALA A 158 4.28 -6.16 1.81
C ALA A 158 4.88 -7.26 2.68
N ALA A 159 4.04 -8.20 3.14
CA ALA A 159 4.50 -9.33 3.96
C ALA A 159 5.33 -10.28 3.11
N GLY A 160 5.04 -10.40 1.82
CA GLY A 160 5.74 -11.31 0.90
C GLY A 160 4.86 -12.48 0.51
N ASN A 161 5.26 -13.19 -0.52
CA ASN A 161 4.38 -14.16 -1.22
C ASN A 161 4.93 -15.58 -1.14
N ASN A 162 5.53 -15.95 -0.03
CA ASN A 162 6.24 -17.24 0.11
C ASN A 162 5.39 -18.25 0.91
N ASN A 163 4.15 -17.93 1.28
CA ASN A 163 3.34 -18.74 2.20
C ASN A 163 4.21 -19.19 3.37
N ALA A 164 4.96 -18.25 3.97
CA ALA A 164 5.92 -18.56 5.03
C ALA A 164 5.85 -17.47 6.10
N ASP A 165 6.58 -17.68 7.17
CA ASP A 165 6.65 -16.66 8.22
C ASP A 165 7.46 -15.45 7.72
N ALA A 166 6.84 -14.27 7.77
CA ALA A 166 7.46 -13.03 7.27
C ALA A 166 8.64 -12.60 8.14
N ARG A 167 8.90 -13.23 9.28
CA ARG A 167 10.09 -12.92 10.11
C ARG A 167 11.38 -13.00 9.28
N ASN A 168 11.39 -13.79 8.21
CA ASN A 168 12.64 -14.04 7.48
C ASN A 168 12.75 -13.16 6.25
N TYR A 169 11.93 -12.10 6.15
CA TYR A 169 11.95 -11.21 4.95
C TYR A 169 12.01 -9.76 5.42
N SER A 170 12.57 -8.91 4.56
CA SER A 170 12.77 -7.47 4.85
C SER A 170 12.28 -6.65 3.66
N PRO A 171 11.63 -5.49 3.89
CA PRO A 171 11.36 -4.96 5.23
C PRO A 171 10.15 -5.49 6.02
N ALA A 172 9.53 -6.58 5.57
CA ALA A 172 8.36 -7.16 6.26
C ALA A 172 8.58 -7.37 7.76
N SER A 173 9.78 -7.84 8.12
CA SER A 173 10.09 -8.22 9.52
C SER A 173 10.39 -7.01 10.41
N GLU A 174 10.37 -5.77 9.89
CA GLU A 174 10.66 -4.59 10.73
C GLU A 174 9.49 -4.34 11.67
N PRO A 175 9.66 -4.39 13.00
CA PRO A 175 8.49 -4.26 13.88
C PRO A 175 7.76 -2.91 13.82
N SER A 176 8.47 -1.82 13.54
CA SER A 176 7.93 -0.45 13.70
C SER A 176 7.13 0.00 12.48
N VAL A 177 7.11 -0.75 11.39
CA VAL A 177 6.35 -0.39 10.16
C VAL A 177 5.13 -1.31 10.09
N CYS A 178 4.25 -1.03 9.13
CA CYS A 178 2.95 -1.72 9.01
C CYS A 178 3.12 -2.82 7.98
N THR A 179 3.14 -4.05 8.42
CA THR A 179 3.36 -5.19 7.52
C THR A 179 2.02 -5.80 7.11
N VAL A 180 1.81 -5.92 5.81
CA VAL A 180 0.48 -6.18 5.23
C VAL A 180 0.44 -7.54 4.55
N GLY A 181 -0.45 -8.43 5.01
CA GLY A 181 -0.75 -9.70 4.36
C GLY A 181 -1.92 -9.56 3.40
N ALA A 182 -2.18 -10.59 2.63
CA ALA A 182 -3.19 -10.52 1.56
C ALA A 182 -4.33 -11.49 1.85
N SER A 183 -5.54 -11.04 1.52
CA SER A 183 -6.76 -11.88 1.51
C SER A 183 -7.44 -11.92 0.15
N ASP A 184 -8.40 -12.83 0.01
CA ASP A 184 -9.18 -12.94 -1.23
C ASP A 184 -10.63 -12.51 -0.98
N ARG A 185 -11.41 -12.51 -2.05
CA ARG A 185 -12.77 -11.94 -2.01
C ARG A 185 -13.72 -12.77 -1.13
N TYR A 186 -13.30 -13.97 -0.72
CA TYR A 186 -14.11 -14.84 0.18
C TYR A 186 -13.54 -14.78 1.60
N ASP A 187 -12.75 -13.75 1.89
CA ASP A 187 -12.18 -13.54 3.24
C ASP A 187 -11.33 -14.76 3.66
N ARG A 188 -10.62 -15.35 2.71
CA ARG A 188 -9.57 -16.33 3.03
C ARG A 188 -8.21 -15.63 2.92
N ARG A 189 -7.26 -16.01 3.79
CA ARG A 189 -5.86 -15.66 3.54
C ARG A 189 -5.54 -16.08 2.10
N SER A 190 -4.93 -15.20 1.32
CA SER A 190 -4.44 -15.52 -0.04
C SER A 190 -3.47 -16.71 0.10
N SER A 191 -3.46 -17.61 -0.87
CA SER A 191 -2.70 -18.87 -0.76
C SER A 191 -1.19 -18.61 -0.63
N PHE A 192 -0.72 -17.51 -1.21
CA PHE A 192 0.72 -17.12 -1.25
C PHE A 192 1.09 -16.22 -0.07
N SER A 193 0.14 -15.71 0.69
CA SER A 193 0.45 -14.63 1.67
C SER A 193 1.38 -15.17 2.74
N ASN A 194 2.49 -14.48 3.00
CA ASN A 194 3.21 -14.69 4.28
C ASN A 194 2.30 -14.37 5.46
N TYR A 195 2.73 -14.84 6.63
CA TYR A 195 2.01 -14.71 7.90
C TYR A 195 3.07 -14.55 8.98
N GLY A 196 2.62 -14.57 10.24
CA GLY A 196 3.50 -14.54 11.41
C GLY A 196 3.21 -13.35 12.29
N SER A 197 3.82 -13.33 13.46
CA SER A 197 3.71 -12.27 14.48
C SER A 197 4.08 -10.89 13.92
N VAL A 198 4.93 -10.79 12.90
CA VAL A 198 5.35 -9.45 12.37
C VAL A 198 4.28 -8.84 11.47
N LEU A 199 3.25 -9.58 11.09
CA LEU A 199 2.12 -8.93 10.37
C LEU A 199 1.30 -8.04 11.29
N ASP A 200 0.84 -6.92 10.75
CA ASP A 200 -0.03 -5.96 11.47
C ASP A 200 -1.48 -6.00 10.98
N ILE A 201 -1.67 -6.39 9.75
CA ILE A 201 -2.97 -6.17 9.05
C ILE A 201 -2.99 -6.99 7.77
N PHE A 202 -4.20 -7.36 7.34
CA PHE A 202 -4.45 -7.91 5.99
C PHE A 202 -5.24 -6.89 5.18
N GLY A 203 -5.01 -6.92 3.87
CA GLY A 203 -5.80 -6.18 2.92
C GLY A 203 -6.03 -7.03 1.68
N PRO A 204 -6.97 -6.63 0.82
CA PRO A 204 -7.28 -7.39 -0.39
C PRO A 204 -6.04 -7.58 -1.27
N GLY A 205 -5.73 -8.79 -1.65
CA GLY A 205 -4.53 -9.06 -2.45
C GLY A 205 -4.71 -10.07 -3.54
N THR A 206 -5.82 -10.81 -3.62
CA THR A 206 -6.04 -11.79 -4.71
C THR A 206 -6.96 -11.14 -5.76
N SER A 207 -6.52 -11.17 -7.04
CA SER A 207 -7.34 -10.75 -8.18
C SER A 207 -7.75 -9.29 -7.98
N ILE A 208 -6.76 -8.41 -7.94
CA ILE A 208 -6.98 -6.95 -7.74
C ILE A 208 -6.85 -6.19 -9.06
N LEU A 209 -7.95 -5.59 -9.50
CA LEU A 209 -7.98 -4.76 -10.72
C LEU A 209 -7.43 -3.36 -10.45
N SER A 210 -6.47 -2.94 -11.24
CA SER A 210 -5.87 -1.60 -11.10
C SER A 210 -5.29 -1.16 -12.45
N THR A 211 -4.70 0.03 -12.45
CA THR A 211 -4.00 0.60 -13.62
C THR A 211 -2.80 -0.26 -14.05
N TRP A 212 -2.51 -0.19 -15.33
CA TRP A 212 -1.30 -0.79 -15.90
C TRP A 212 -0.73 0.17 -16.94
N ILE A 213 0.49 -0.11 -17.34
CA ILE A 213 1.21 0.77 -18.31
C ILE A 213 0.56 0.65 -19.69
N GLY A 214 0.87 1.60 -20.56
CA GLY A 214 0.16 1.74 -21.84
C GLY A 214 -1.29 2.18 -21.62
N GLY A 215 -1.59 2.93 -20.53
CA GLY A 215 -2.96 3.45 -20.31
C GLY A 215 -3.97 2.34 -20.18
N SER A 216 -3.61 1.24 -19.54
CA SER A 216 -4.46 0.03 -19.54
C SER A 216 -4.88 -0.32 -18.12
N THR A 217 -5.51 -1.48 -17.94
CA THR A 217 -5.84 -2.05 -16.61
C THR A 217 -5.57 -3.54 -16.61
N ARG A 218 -5.33 -4.12 -15.45
CA ARG A 218 -5.34 -5.58 -15.34
C ARG A 218 -5.49 -5.96 -13.88
N SER A 219 -5.77 -7.23 -13.72
CA SER A 219 -5.97 -7.85 -12.39
C SER A 219 -4.76 -8.73 -12.11
N ILE A 220 -4.08 -8.48 -11.02
CA ILE A 220 -2.96 -9.36 -10.56
C ILE A 220 -3.10 -9.56 -9.05
N SER A 221 -2.24 -10.40 -8.49
CA SER A 221 -2.36 -10.92 -7.11
C SER A 221 -1.04 -10.77 -6.40
N GLY A 222 -1.07 -10.45 -5.11
CA GLY A 222 0.15 -10.41 -4.31
C GLY A 222 -0.08 -9.66 -3.01
N THR A 223 0.81 -9.84 -2.03
CA THR A 223 0.87 -8.90 -0.89
C THR A 223 1.26 -7.51 -1.42
N SER A 224 1.86 -7.44 -2.61
CA SER A 224 2.09 -6.13 -3.31
C SER A 224 0.80 -5.36 -3.57
N MET A 225 -0.31 -6.06 -3.73
CA MET A 225 -1.61 -5.46 -4.06
C MET A 225 -2.34 -5.13 -2.74
N ALA A 226 -2.12 -5.89 -1.68
CA ALA A 226 -2.75 -5.62 -0.37
C ALA A 226 -2.14 -4.34 0.22
N THR A 227 -0.82 -4.20 0.10
CA THR A 227 -0.05 -3.08 0.74
C THR A 227 -0.64 -1.73 0.36
N PRO A 228 -0.86 -1.42 -0.92
CA PRO A 228 -1.35 -0.08 -1.29
C PRO A 228 -2.81 0.14 -0.85
N HIS A 229 -3.58 -0.92 -0.59
CA HIS A 229 -4.93 -0.70 0.03
C HIS A 229 -4.72 -0.04 1.38
N VAL A 230 -3.79 -0.60 2.15
CA VAL A 230 -3.48 -0.06 3.49
C VAL A 230 -2.83 1.32 3.42
N ALA A 231 -1.88 1.52 2.50
CA ALA A 231 -1.26 2.85 2.32
C ALA A 231 -2.34 3.87 1.94
N GLY A 232 -3.17 3.57 0.95
CA GLY A 232 -4.30 4.48 0.63
C GLY A 232 -5.21 4.71 1.83
N LEU A 233 -5.59 3.66 2.55
CA LEU A 233 -6.45 3.81 3.72
C LEU A 233 -5.80 4.77 4.72
N ALA A 234 -4.50 4.60 5.01
CA ALA A 234 -3.83 5.50 5.98
C ALA A 234 -3.98 6.93 5.49
N ALA A 235 -3.67 7.20 4.21
CA ALA A 235 -3.73 8.58 3.67
C ALA A 235 -5.14 9.15 3.85
N TYR A 236 -6.15 8.34 3.56
CA TYR A 236 -7.56 8.72 3.69
C TYR A 236 -7.87 9.05 5.16
N LEU A 237 -7.43 8.20 6.07
CA LEU A 237 -7.74 8.42 7.51
C LEU A 237 -6.99 9.65 8.04
N MET A 238 -5.78 9.90 7.57
CA MET A 238 -4.95 11.05 7.99
C MET A 238 -5.64 12.33 7.46
N THR A 239 -6.15 12.35 6.22
CA THR A 239 -6.91 13.52 5.72
C THR A 239 -8.15 13.77 6.62
N LEU A 240 -8.82 12.72 7.05
CA LEU A 240 -10.03 12.82 7.90
C LEU A 240 -9.62 13.32 9.29
N GLY A 241 -8.35 13.33 9.64
CA GLY A 241 -7.91 13.73 11.01
C GLY A 241 -8.14 12.63 12.04
N LYS A 242 -8.31 11.39 11.63
CA LYS A 242 -8.61 10.28 12.56
C LYS A 242 -7.32 9.73 13.16
N THR A 243 -6.19 9.90 12.50
CA THR A 243 -4.93 9.32 12.98
C THR A 243 -3.76 10.10 12.41
N THR A 244 -2.57 9.75 12.83
CA THR A 244 -1.30 10.39 12.41
C THR A 244 -0.45 9.36 11.69
N ALA A 245 0.65 9.78 11.08
CA ALA A 245 1.61 8.85 10.45
C ALA A 245 2.15 7.87 11.48
N ALA A 246 2.45 8.34 12.70
CA ALA A 246 3.11 7.51 13.73
C ALA A 246 2.14 6.45 14.22
N SER A 247 0.83 6.71 14.19
CA SER A 247 -0.13 5.82 14.88
C SER A 247 -1.11 5.19 13.88
N ALA A 248 -0.98 5.44 12.58
CA ALA A 248 -2.00 4.96 11.63
C ALA A 248 -2.03 3.43 11.56
N CYS A 249 -0.92 2.73 11.63
CA CYS A 249 -0.94 1.25 11.56
C CYS A 249 -1.71 0.73 12.77
N ARG A 250 -1.38 1.23 13.95
CA ARG A 250 -2.13 0.89 15.18
C ARG A 250 -3.63 1.18 15.04
N TYR A 251 -3.96 2.35 14.56
CA TYR A 251 -5.35 2.80 14.37
C TYR A 251 -6.07 1.86 13.41
N ILE A 252 -5.43 1.52 12.30
CA ILE A 252 -6.01 0.59 11.31
C ILE A 252 -6.26 -0.77 11.99
N ALA A 253 -5.30 -1.30 12.77
CA ALA A 253 -5.51 -2.57 13.47
C ALA A 253 -6.65 -2.41 14.46
N ASP A 254 -6.72 -1.31 15.18
CA ASP A 254 -7.73 -1.06 16.25
C ASP A 254 -9.13 -1.05 15.62
N THR A 255 -9.24 -0.56 14.38
CA THR A 255 -10.55 -0.30 13.72
C THR A 255 -10.86 -1.36 12.66
N ALA A 256 -10.00 -2.37 12.54
CA ALA A 256 -10.14 -3.44 11.53
C ALA A 256 -11.39 -4.29 11.78
N ASN A 257 -11.81 -4.99 10.71
CA ASN A 257 -12.73 -6.13 10.87
C ASN A 257 -11.93 -7.26 11.52
N LYS A 258 -12.38 -7.75 12.66
CA LYS A 258 -11.66 -8.74 13.50
C LYS A 258 -12.28 -10.11 13.40
N GLY A 259 -11.42 -11.11 13.21
CA GLY A 259 -11.81 -12.51 13.26
C GLY A 259 -12.65 -12.94 12.07
N ASP A 260 -12.64 -12.22 10.93
CA ASP A 260 -13.50 -12.53 9.76
C ASP A 260 -12.73 -13.36 8.72
N LEU A 261 -11.41 -13.48 8.83
CA LEU A 261 -10.63 -14.19 7.80
C LEU A 261 -10.44 -15.66 8.16
N SER A 262 -10.42 -16.50 7.15
CA SER A 262 -10.13 -17.95 7.31
C SER A 262 -8.68 -18.26 6.91
N ASN A 263 -8.19 -19.40 7.37
CA ASN A 263 -6.82 -19.90 7.16
C ASN A 263 -5.76 -18.90 7.62
N ILE A 264 -6.01 -18.26 8.75
CA ILE A 264 -5.00 -17.46 9.46
C ILE A 264 -4.32 -18.37 10.47
N PRO A 265 -3.00 -18.58 10.35
CA PRO A 265 -2.31 -19.43 11.29
C PRO A 265 -2.44 -18.87 12.71
N PHE A 266 -2.47 -19.81 13.65
CA PHE A 266 -2.43 -19.46 15.08
C PHE A 266 -1.23 -18.52 15.29
N GLY A 267 -1.44 -17.37 15.93
CA GLY A 267 -0.37 -16.42 16.27
C GLY A 267 -0.18 -15.29 15.26
N THR A 268 -0.92 -15.35 14.16
CA THR A 268 -1.02 -14.23 13.17
C THR A 268 -2.32 -13.46 13.47
N VAL A 269 -2.30 -12.12 13.39
CA VAL A 269 -3.51 -11.28 13.61
C VAL A 269 -4.58 -11.61 12.56
N ASN A 270 -5.83 -11.65 13.00
CA ASN A 270 -7.00 -11.88 12.12
C ASN A 270 -7.74 -10.54 12.02
N LEU A 271 -7.13 -9.63 11.26
CA LEU A 271 -7.52 -8.22 11.15
C LEU A 271 -7.52 -7.86 9.67
N LEU A 272 -8.63 -7.30 9.23
CA LEU A 272 -8.81 -6.92 7.80
C LEU A 272 -9.10 -5.42 7.72
N ALA A 273 -8.29 -4.71 6.94
CA ALA A 273 -8.36 -3.24 6.88
C ALA A 273 -9.78 -2.79 6.57
N TYR A 274 -10.24 -1.77 7.29
CA TYR A 274 -11.63 -1.28 7.21
C TYR A 274 -11.66 0.21 7.50
N ASN A 275 -12.38 0.95 6.70
CA ASN A 275 -12.39 2.43 6.81
C ASN A 275 -13.46 2.90 7.81
N ASN A 276 -14.34 2.02 8.30
CA ASN A 276 -15.42 2.37 9.27
C ASN A 276 -16.14 3.62 8.79
N TYR A 277 -16.37 3.72 7.49
CA TYR A 277 -17.06 4.91 6.96
C TYR A 277 -18.56 4.68 7.11
N GLN A 278 -19.20 5.63 7.79
CA GLN A 278 -20.67 5.59 7.97
C GLN A 278 -21.29 6.74 7.19
N ALA A 279 -22.03 6.51 6.13
CA ALA A 279 -22.93 7.56 5.58
C ALA A 279 -24.16 7.63 6.50
C TOU B . 4.72 -6.28 14.52
S TOU B . 6.15 -6.89 15.05
N1 TOU B . 3.61 -7.04 14.40
N2 TOU B . 4.60 -5.00 14.23
C TOU C . -9.44 -17.03 -4.95
S TOU C . -10.91 -16.38 -4.78
N1 TOU C . -8.58 -17.30 -3.96
N2 TOU C . -9.02 -17.30 -6.17
C TOU D . -8.12 4.12 -18.89
S TOU D . -8.18 2.82 -17.96
N1 TOU D . -8.95 5.09 -18.66
N2 TOU D . -7.30 4.22 -19.95
S SO4 E . -13.67 -7.68 -9.30
O1 SO4 E . -13.09 -6.47 -8.77
O2 SO4 E . -14.72 -8.12 -8.41
O3 SO4 E . -12.66 -8.67 -9.44
O4 SO4 E . -14.29 -7.42 -10.59
CL CL F . 12.41 11.43 -11.63
#